data_1XXS
#
_entry.id   1XXS
#
_cell.length_a   61.180
_cell.length_b   88.710
_cell.length_c   51.090
_cell.angle_alpha   90.00
_cell.angle_beta   90.00
_cell.angle_gamma   90.00
#
_symmetry.space_group_name_H-M   'P 21 21 21'
#
loop_
_entity.id
_entity.type
_entity.pdbx_description
1 polymer 'Phospholipase A2 homolog 2'
2 non-polymer 'SULFATE ION'
3 non-polymer 'STEARIC ACID'
#
_entity_poly.entity_id   1
_entity_poly.type   'polypeptide(L)'
_entity_poly.pdbx_seq_one_letter_code
;SLFELGKMILQETGKNPAKSYGVYGCNCGVGGRGKPKDATDRCCYVHKCCYKKLTGCDPKKDRYSYSWKDKTIVCGENNS
CLKELCECDKAVAICLRENLDTYNKKYRYNYLKPACKKADPC
;
_entity_poly.pdbx_strand_id   A,B
#
loop_
_chem_comp.id
_chem_comp.type
_chem_comp.name
_chem_comp.formula
SO4 non-polymer 'SULFATE ION' 'O4 S -2'
STE non-polymer 'STEARIC ACID' 'C18 H36 O2'
#
# COMPACT_ATOMS: atom_id res chain seq x y z
N SER A 1 -2.29 -13.69 -11.68
CA SER A 1 -3.50 -14.37 -11.17
C SER A 1 -4.35 -13.43 -10.34
N LEU A 2 -5.53 -13.90 -9.93
CA LEU A 2 -6.42 -13.22 -8.98
C LEU A 2 -5.74 -12.67 -7.75
N PHE A 3 -4.77 -13.41 -7.28
CA PHE A 3 -4.08 -12.97 -6.10
C PHE A 3 -3.27 -11.65 -6.35
N GLU A 4 -2.54 -11.59 -7.45
CA GLU A 4 -1.82 -10.36 -7.85
C GLU A 4 -2.70 -9.19 -8.11
N LEU A 5 -3.78 -9.44 -8.85
CA LEU A 5 -4.77 -8.44 -9.11
C LEU A 5 -5.32 -7.86 -7.80
N GLY A 6 -5.67 -8.76 -6.85
CA GLY A 6 -6.35 -8.29 -5.65
C GLY A 6 -5.35 -7.48 -4.86
N LYS A 7 -4.12 -7.93 -4.86
CA LYS A 7 -3.07 -7.20 -4.16
C LYS A 7 -2.85 -5.75 -4.75
N MET A 8 -2.81 -5.65 -6.07
CA MET A 8 -2.57 -4.35 -6.75
C MET A 8 -3.65 -3.36 -6.37
N ILE A 9 -4.87 -3.86 -6.37
CA ILE A 9 -6.01 -3.00 -6.08
C ILE A 9 -5.90 -2.52 -4.63
N LEU A 10 -5.60 -3.44 -3.75
CA LEU A 10 -5.42 -3.08 -2.35
C LEU A 10 -4.34 -2.02 -2.25
N GLN A 11 -3.22 -2.25 -2.93
CA GLN A 11 -2.18 -1.29 -2.89
C GLN A 11 -2.55 0.11 -3.44
N GLU A 12 -3.20 0.18 -4.59
CA GLU A 12 -3.45 1.49 -5.18
C GLU A 12 -4.55 2.22 -4.44
N THR A 13 -5.57 1.50 -4.08
CA THR A 13 -6.76 2.14 -3.51
C THR A 13 -6.84 2.16 -1.99
N GLY A 14 -6.19 1.23 -1.32
CA GLY A 14 -6.31 1.12 0.13
C GLY A 14 -7.54 0.36 0.60
N LYS A 15 -8.32 -0.13 -0.35
CA LYS A 15 -9.61 -0.76 -0.07
C LYS A 15 -9.53 -2.27 -0.15
N ASN A 16 -10.31 -2.98 0.68
CA ASN A 16 -10.40 -4.45 0.64
C ASN A 16 -10.88 -4.77 -0.78
N PRO A 17 -10.10 -5.40 -1.64
CA PRO A 17 -10.54 -5.45 -3.03
C PRO A 17 -11.76 -6.34 -3.24
N ALA A 18 -11.87 -7.44 -2.52
CA ALA A 18 -12.99 -8.35 -2.66
C ALA A 18 -14.25 -7.61 -2.20
N LYS A 19 -14.21 -7.00 -1.02
CA LYS A 19 -15.34 -6.24 -0.48
C LYS A 19 -15.68 -5.05 -1.40
N SER A 20 -14.70 -4.23 -1.77
CA SER A 20 -14.98 -3.03 -2.57
C SER A 20 -15.21 -3.30 -4.02
N TYR A 21 -14.59 -4.33 -4.59
CA TYR A 21 -14.73 -4.55 -6.05
C TYR A 21 -15.21 -5.94 -6.49
N GLY A 22 -15.34 -6.90 -5.57
CA GLY A 22 -15.53 -8.29 -5.97
C GLY A 22 -16.86 -8.46 -6.69
N VAL A 23 -17.84 -7.59 -6.38
CA VAL A 23 -19.13 -7.59 -7.04
C VAL A 23 -19.59 -6.18 -7.39
N TYR A 24 -18.64 -5.32 -7.75
CA TYR A 24 -18.93 -3.91 -8.01
C TYR A 24 -19.40 -3.69 -9.44
N GLY A 25 -20.49 -2.96 -9.55
CA GLY A 25 -20.90 -2.46 -10.84
C GLY A 25 -21.16 -3.62 -11.74
N CYS A 26 -20.97 -3.40 -13.03
CA CYS A 26 -21.32 -4.42 -14.00
C CYS A 26 -20.11 -5.11 -14.51
N ASN A 27 -18.95 -4.63 -14.11
CA ASN A 27 -17.78 -5.17 -14.67
C ASN A 27 -16.77 -5.68 -13.69
N CYS A 28 -16.85 -5.19 -12.48
CA CYS A 28 -15.81 -5.45 -11.52
C CYS A 28 -16.06 -6.80 -10.86
N GLY A 29 -15.04 -7.66 -10.84
CA GLY A 29 -15.11 -8.90 -10.08
C GLY A 29 -15.79 -10.03 -10.83
N VAL A 30 -16.72 -10.70 -10.14
CA VAL A 30 -17.27 -11.96 -10.59
C VAL A 30 -18.03 -11.64 -11.83
N GLY A 31 -18.06 -12.57 -12.78
CA GLY A 31 -18.93 -12.34 -13.92
C GLY A 31 -18.16 -11.76 -15.07
N GLY A 32 -18.91 -11.25 -16.04
CA GLY A 32 -18.34 -10.83 -17.31
C GLY A 32 -18.29 -9.32 -17.34
N ARG A 33 -18.39 -8.73 -18.53
CA ARG A 33 -18.44 -7.29 -18.68
C ARG A 33 -19.87 -6.92 -18.91
N GLY A 34 -20.15 -5.64 -18.78
CA GLY A 34 -21.45 -5.08 -19.09
C GLY A 34 -21.22 -3.59 -19.20
N LYS A 35 -22.25 -2.84 -19.54
CA LYS A 35 -22.04 -1.43 -19.70
C LYS A 35 -21.66 -0.88 -18.33
N PRO A 36 -20.57 -0.11 -18.27
CA PRO A 36 -20.04 0.45 -17.02
C PRO A 36 -20.99 1.39 -16.30
N LYS A 37 -21.10 1.26 -14.97
CA LYS A 37 -21.95 2.11 -14.13
C LYS A 37 -21.31 3.47 -13.88
N ASP A 38 -19.98 3.52 -13.84
CA ASP A 38 -19.37 4.76 -13.49
C ASP A 38 -17.93 4.59 -13.85
N ALA A 39 -17.10 5.56 -13.46
CA ALA A 39 -15.72 5.51 -13.89
C ALA A 39 -15.03 4.25 -13.31
N THR A 40 -15.31 3.96 -12.04
CA THR A 40 -14.74 2.77 -11.39
C THR A 40 -15.07 1.55 -12.23
N ASP A 41 -16.34 1.44 -12.60
CA ASP A 41 -16.77 0.27 -13.35
C ASP A 41 -16.09 0.17 -14.73
N ARG A 42 -15.85 1.33 -15.33
CA ARG A 42 -15.24 1.43 -16.63
C ARG A 42 -13.78 0.95 -16.55
N CYS A 43 -13.10 1.27 -15.47
CA CYS A 43 -11.80 0.65 -15.26
C CYS A 43 -11.91 -0.88 -15.42
N CYS A 44 -12.94 -1.49 -14.80
CA CYS A 44 -13.02 -2.96 -14.77
C CYS A 44 -13.37 -3.55 -16.12
N TYR A 45 -14.19 -2.82 -16.87
CA TYR A 45 -14.50 -3.11 -18.25
C TYR A 45 -13.24 -3.14 -19.06
N VAL A 46 -12.42 -2.13 -18.91
CA VAL A 46 -11.25 -1.99 -19.80
C VAL A 46 -10.31 -3.17 -19.44
N HIS A 47 -10.29 -3.51 -18.16
CA HIS A 47 -9.49 -4.63 -17.66
C HIS A 47 -9.85 -6.04 -18.23
N LYS A 48 -11.13 -6.36 -18.21
CA LYS A 48 -11.63 -7.58 -18.79
C LYS A 48 -11.38 -7.66 -20.30
N CYS A 49 -11.40 -6.53 -21.01
CA CYS A 49 -10.99 -6.47 -22.43
C CYS A 49 -9.55 -6.71 -22.59
N CYS A 50 -8.82 -6.14 -21.66
CA CYS A 50 -7.40 -6.33 -21.64
C CYS A 50 -7.06 -7.86 -21.54
N TYR A 51 -7.75 -8.60 -20.67
CA TYR A 51 -7.66 -10.08 -20.55
C TYR A 51 -8.02 -10.83 -21.85
N LYS A 52 -8.98 -10.29 -22.58
CA LYS A 52 -9.43 -10.93 -23.78
C LYS A 52 -8.34 -10.94 -24.85
N LYS A 53 -7.43 -10.00 -24.83
CA LYS A 53 -6.53 -10.04 -25.94
C LYS A 53 -5.32 -10.89 -25.66
N LEU A 54 -5.24 -11.46 -24.45
CA LEU A 54 -4.12 -12.25 -24.08
C LEU A 54 -4.15 -13.65 -24.71
N THR A 55 -3.01 -14.14 -25.15
CA THR A 55 -2.90 -15.56 -25.50
C THR A 55 -1.65 -16.13 -24.85
N GLY A 56 -1.75 -17.39 -24.41
CA GLY A 56 -0.56 -18.13 -24.04
C GLY A 56 -0.45 -18.29 -22.56
N CYS A 57 -1.32 -17.63 -21.80
CA CYS A 57 -1.27 -17.77 -20.35
C CYS A 57 -2.65 -17.56 -19.84
N ASP A 58 -2.91 -18.03 -18.62
CA ASP A 58 -4.25 -17.98 -18.00
C ASP A 58 -4.28 -16.82 -16.98
N PRO A 59 -5.03 -15.79 -17.28
CA PRO A 59 -5.12 -14.58 -16.45
C PRO A 59 -5.52 -14.84 -15.00
N LYS A 60 -6.44 -15.75 -14.79
CA LYS A 60 -6.94 -15.93 -13.43
C LYS A 60 -6.03 -16.75 -12.56
N LYS A 61 -5.29 -17.67 -13.20
CA LYS A 61 -4.58 -18.70 -12.48
C LYS A 61 -3.12 -18.48 -12.48
N ASP A 62 -2.59 -17.87 -13.54
CA ASP A 62 -1.15 -17.82 -13.68
C ASP A 62 -0.56 -16.68 -12.90
N ARG A 63 0.38 -17.01 -12.07
CA ARG A 63 1.00 -16.00 -11.26
C ARG A 63 1.97 -15.25 -12.16
N TYR A 64 2.20 -14.00 -11.82
CA TYR A 64 3.24 -13.25 -12.46
C TYR A 64 3.87 -12.40 -11.39
N SER A 65 4.97 -11.78 -11.70
CA SER A 65 5.64 -11.05 -10.69
C SER A 65 5.55 -9.56 -10.99
N TYR A 66 5.43 -8.81 -9.92
CA TYR A 66 5.52 -7.36 -10.09
C TYR A 66 6.10 -6.80 -8.82
N SER A 67 6.49 -5.55 -8.83
CA SER A 67 7.06 -4.97 -7.64
C SER A 67 6.37 -3.62 -7.32
N TRP A 68 6.49 -3.20 -6.07
CA TRP A 68 5.89 -1.96 -5.60
C TRP A 68 7.06 -1.07 -5.41
N LYS A 69 7.27 -0.13 -6.32
CA LYS A 69 8.48 0.68 -6.37
C LYS A 69 8.09 2.12 -6.25
N ASP A 70 8.46 2.79 -5.15
CA ASP A 70 8.04 4.18 -4.93
C ASP A 70 6.57 4.34 -5.12
N LYS A 71 5.84 3.39 -4.51
CA LYS A 71 4.37 3.37 -4.49
C LYS A 71 3.86 3.36 -5.91
N THR A 72 4.62 2.67 -6.78
CA THR A 72 4.22 2.46 -8.18
C THR A 72 4.28 0.98 -8.47
N ILE A 73 3.29 0.49 -9.18
CA ILE A 73 3.29 -0.91 -9.55
C ILE A 73 4.20 -1.03 -10.80
N VAL A 74 5.15 -1.94 -10.73
CA VAL A 74 6.01 -2.16 -11.90
C VAL A 74 5.98 -3.65 -12.37
N CYS A 75 5.50 -3.94 -13.58
CA CYS A 75 5.39 -5.34 -14.00
C CYS A 75 6.77 -5.91 -14.38
N GLY A 76 6.88 -7.19 -13.90
CA GLY A 76 8.18 -7.82 -13.99
C GLY A 76 8.67 -8.41 -15.32
N GLU A 77 7.98 -9.37 -15.91
CA GLU A 77 8.84 -10.37 -16.61
C GLU A 77 8.55 -10.97 -17.96
N ASN A 78 9.23 -10.43 -18.97
CA ASN A 78 9.40 -11.05 -20.30
C ASN A 78 8.25 -11.86 -20.90
N ASN A 79 8.09 -13.13 -20.49
CA ASN A 79 6.99 -13.97 -21.00
C ASN A 79 5.85 -13.07 -21.47
N SER A 80 5.65 -12.92 -22.74
CA SER A 80 4.90 -11.84 -23.34
C SER A 80 3.45 -11.82 -22.80
N CYS A 81 2.84 -13.00 -22.62
CA CYS A 81 1.50 -13.05 -22.08
C CYS A 81 1.45 -12.54 -20.64
N LEU A 82 2.37 -13.00 -19.83
CA LEU A 82 2.34 -12.63 -18.42
C LEU A 82 2.65 -11.12 -18.23
N LYS A 83 3.55 -10.58 -19.04
CA LYS A 83 3.82 -9.13 -18.97
C LYS A 83 2.56 -8.33 -19.30
N GLU A 84 1.89 -8.71 -20.39
CA GLU A 84 0.71 -8.06 -20.83
C GLU A 84 -0.38 -8.24 -19.81
N LEU A 85 -0.42 -9.41 -19.16
CA LEU A 85 -1.36 -9.67 -18.07
C LEU A 85 -1.11 -8.71 -16.91
N CYS A 86 0.15 -8.64 -16.53
CA CYS A 86 0.49 -7.71 -15.47
C CYS A 86 0.07 -6.26 -15.85
N GLU A 87 0.31 -5.86 -17.09
CA GLU A 87 0.00 -4.49 -17.45
C GLU A 87 -1.49 -4.28 -17.40
N CYS A 88 -2.24 -5.31 -17.78
CA CYS A 88 -3.70 -5.23 -17.63
C CYS A 88 -4.06 -4.90 -16.20
N ASP A 89 -3.54 -5.67 -15.26
CA ASP A 89 -3.93 -5.57 -13.87
C ASP A 89 -3.48 -4.24 -13.26
N LYS A 90 -2.26 -3.84 -13.58
CA LYS A 90 -1.76 -2.56 -13.13
C LYS A 90 -2.65 -1.41 -13.54
N ALA A 91 -3.05 -1.41 -14.81
CA ALA A 91 -3.83 -0.32 -15.35
C ALA A 91 -5.18 -0.30 -14.61
N VAL A 92 -5.75 -1.45 -14.32
CA VAL A 92 -6.98 -1.46 -13.50
C VAL A 92 -6.81 -0.93 -12.10
N ALA A 93 -5.72 -1.29 -11.47
CA ALA A 93 -5.56 -0.85 -10.11
C ALA A 93 -5.41 0.70 -10.03
N ILE A 94 -4.63 1.24 -10.95
CA ILE A 94 -4.42 2.71 -11.02
C ILE A 94 -5.73 3.38 -11.35
N CYS A 95 -6.41 2.79 -12.31
CA CYS A 95 -7.66 3.32 -12.76
C CYS A 95 -8.68 3.36 -11.58
N LEU A 96 -8.72 2.31 -10.76
CA LEU A 96 -9.62 2.28 -9.63
C LEU A 96 -9.21 3.35 -8.60
N ARG A 97 -7.93 3.53 -8.39
CA ARG A 97 -7.53 4.59 -7.46
C ARG A 97 -7.93 6.01 -7.99
N GLU A 98 -7.81 6.21 -9.29
CA GLU A 98 -8.00 7.53 -9.92
C GLU A 98 -9.47 7.90 -9.80
N ASN A 99 -10.27 6.89 -9.57
CA ASN A 99 -11.68 7.02 -9.61
C ASN A 99 -12.36 6.74 -8.29
N LEU A 100 -11.58 6.63 -7.21
CA LEU A 100 -12.17 6.50 -5.87
C LEU A 100 -13.06 7.69 -5.54
N ASP A 101 -12.77 8.81 -6.18
CA ASP A 101 -13.45 10.04 -5.84
C ASP A 101 -14.93 9.94 -6.18
N THR A 102 -15.25 9.03 -7.09
CA THR A 102 -16.63 8.77 -7.44
C THR A 102 -17.11 7.34 -7.12
N TYR A 103 -16.30 6.60 -6.35
CA TYR A 103 -16.72 5.26 -5.93
C TYR A 103 -18.03 5.34 -5.20
N ASN A 104 -18.94 4.44 -5.60
CA ASN A 104 -20.24 4.42 -5.01
C ASN A 104 -20.57 3.12 -4.29
N LYS A 105 -20.65 3.21 -2.96
CA LYS A 105 -20.90 2.08 -2.10
C LYS A 105 -22.16 1.42 -2.61
N LYS A 106 -23.00 2.23 -3.24
CA LYS A 106 -24.28 1.75 -3.76
C LYS A 106 -24.01 0.57 -4.67
N TYR A 107 -22.97 0.65 -5.51
CA TYR A 107 -22.75 -0.40 -6.52
C TYR A 107 -21.95 -1.59 -6.03
N ARG A 108 -21.58 -1.58 -4.75
CA ARG A 108 -20.62 -2.52 -4.20
C ARG A 108 -21.01 -4.00 -4.29
N TYR A 109 -22.22 -4.30 -3.85
CA TYR A 109 -22.68 -5.69 -3.98
C TYR A 109 -23.71 -5.83 -5.05
N ASN A 110 -23.26 -5.80 -6.29
CA ASN A 110 -24.18 -5.86 -7.38
C ASN A 110 -24.50 -7.30 -7.68
N TYR A 111 -25.42 -7.86 -6.91
CA TYR A 111 -25.81 -9.25 -7.11
C TYR A 111 -26.58 -9.39 -8.42
N LEU A 112 -27.01 -8.25 -8.96
CA LEU A 112 -27.69 -8.21 -10.25
C LEU A 112 -26.77 -8.12 -11.46
N LYS A 113 -25.52 -8.53 -11.33
CA LYS A 113 -24.61 -8.47 -12.48
C LYS A 113 -25.13 -9.18 -13.74
N PRO A 114 -25.79 -10.34 -13.60
CA PRO A 114 -26.36 -11.01 -14.78
C PRO A 114 -27.30 -10.08 -15.55
N ALA A 115 -27.90 -9.13 -14.85
CA ALA A 115 -28.81 -8.15 -15.46
C ALA A 115 -28.14 -6.87 -16.02
N CYS A 116 -26.82 -6.82 -16.03
CA CYS A 116 -26.21 -5.63 -16.61
C CYS A 116 -26.44 -5.58 -18.11
N LYS A 117 -26.48 -4.38 -18.66
CA LYS A 117 -26.51 -4.22 -20.11
C LYS A 117 -25.26 -4.79 -20.75
N LYS A 118 -25.45 -5.54 -21.84
CA LYS A 118 -24.34 -6.18 -22.56
C LYS A 118 -23.29 -5.19 -23.00
N ALA A 119 -22.03 -5.62 -23.01
CA ALA A 119 -20.94 -4.72 -23.34
C ALA A 119 -20.61 -4.80 -24.81
N ASP A 120 -20.15 -3.67 -25.34
CA ASP A 120 -19.57 -3.65 -26.67
C ASP A 120 -18.43 -4.64 -26.71
N PRO A 121 -18.16 -5.16 -27.91
CA PRO A 121 -17.01 -6.04 -28.10
C PRO A 121 -15.78 -5.25 -27.71
N CYS A 122 -14.74 -5.96 -27.30
CA CYS A 122 -13.47 -5.31 -27.01
C CYS A 122 -12.81 -4.90 -28.33
N SER B 1 -0.27 4.50 17.56
CA SER B 1 0.15 3.24 18.21
C SER B 1 1.02 2.46 17.22
N LEU B 2 1.66 1.43 17.72
CA LEU B 2 2.53 0.56 16.94
C LEU B 2 1.85 -0.01 15.75
N PHE B 3 0.57 -0.28 15.88
CA PHE B 3 -0.12 -0.88 14.81
C PHE B 3 -0.23 0.12 13.65
N GLU B 4 -0.47 1.42 13.91
CA GLU B 4 -0.67 2.40 12.82
C GLU B 4 0.68 2.62 12.21
N LEU B 5 1.66 2.68 13.06
CA LEU B 5 3.01 2.86 12.57
C LEU B 5 3.47 1.75 11.61
N GLY B 6 3.23 0.49 11.99
CA GLY B 6 3.73 -0.65 11.21
C GLY B 6 2.94 -0.66 9.93
N LYS B 7 1.67 -0.33 10.03
CA LYS B 7 0.90 -0.22 8.79
C LYS B 7 1.39 0.84 7.77
N MET B 8 1.79 2.01 8.25
CA MET B 8 2.24 3.08 7.36
C MET B 8 3.51 2.66 6.72
N ILE B 9 4.34 2.04 7.50
CA ILE B 9 5.58 1.54 6.88
C ILE B 9 5.34 0.48 5.80
N LEU B 10 4.42 -0.45 6.02
CA LEU B 10 4.17 -1.52 5.07
C LEU B 10 3.72 -0.86 3.78
N GLN B 11 2.85 0.12 3.96
CA GLN B 11 2.24 0.84 2.88
C GLN B 11 3.24 1.60 2.05
N GLU B 12 4.19 2.29 2.68
CA GLU B 12 5.15 3.09 1.93
C GLU B 12 6.21 2.20 1.32
N THR B 13 6.67 1.20 2.05
CA THR B 13 7.85 0.44 1.59
C THR B 13 7.50 -0.85 0.88
N GLY B 14 6.34 -1.41 1.23
CA GLY B 14 5.92 -2.74 0.80
C GLY B 14 6.62 -3.85 1.56
N LYS B 15 7.32 -3.48 2.64
CA LYS B 15 8.14 -4.45 3.39
C LYS B 15 7.44 -4.80 4.70
N ASN B 16 7.61 -6.06 5.13
CA ASN B 16 7.14 -6.53 6.43
C ASN B 16 7.77 -5.61 7.44
N PRO B 17 7.00 -4.75 8.13
CA PRO B 17 7.64 -3.75 8.99
C PRO B 17 8.32 -4.38 10.20
N ALA B 18 7.75 -5.41 10.85
CA ALA B 18 8.44 -5.98 12.00
C ALA B 18 9.73 -6.62 11.56
N LYS B 19 9.70 -7.37 10.43
CA LYS B 19 10.88 -8.04 9.92
C LYS B 19 11.95 -7.04 9.40
N SER B 20 11.55 -6.02 8.65
CA SER B 20 12.50 -5.10 8.07
C SER B 20 13.11 -4.08 8.99
N TYR B 21 12.31 -3.65 9.99
CA TYR B 21 12.62 -2.49 10.79
C TYR B 21 12.44 -2.71 12.28
N GLY B 22 11.93 -3.86 12.69
CA GLY B 22 11.61 -4.01 14.11
C GLY B 22 12.83 -4.04 14.99
N VAL B 23 13.94 -4.46 14.41
CA VAL B 23 15.18 -4.46 15.13
C VAL B 23 16.29 -3.89 14.24
N TYR B 24 15.94 -2.98 13.32
CA TYR B 24 16.93 -2.49 12.35
C TYR B 24 17.79 -1.40 12.93
N GLY B 25 19.10 -1.56 12.74
CA GLY B 25 20.03 -0.46 12.97
C GLY B 25 19.94 -0.05 14.42
N CYS B 26 20.23 1.20 14.73
CA CYS B 26 20.31 1.62 16.11
C CYS B 26 19.11 2.36 16.53
N ASN B 27 18.20 2.64 15.61
CA ASN B 27 17.11 3.51 16.02
C ASN B 27 15.77 2.87 15.72
N CYS B 28 15.72 1.99 14.73
CA CYS B 28 14.48 1.45 14.26
C CYS B 28 13.97 0.41 15.19
N GLY B 29 12.72 0.52 15.61
CA GLY B 29 12.05 -0.55 16.35
C GLY B 29 12.34 -0.52 17.81
N VAL B 30 12.51 -1.69 18.39
CA VAL B 30 12.63 -1.79 19.84
C VAL B 30 13.75 -0.87 20.35
N GLY B 31 13.62 -0.44 21.60
CA GLY B 31 14.70 0.34 22.22
C GLY B 31 14.64 1.83 21.95
N GLY B 32 15.73 2.53 22.31
CA GLY B 32 15.80 3.97 22.20
C GLY B 32 16.51 4.42 20.92
N ARG B 33 17.03 5.63 20.94
CA ARG B 33 17.86 6.10 19.83
C ARG B 33 19.29 5.77 20.05
N GLY B 34 20.04 5.83 18.98
CA GLY B 34 21.47 5.75 19.01
C GLY B 34 21.98 6.45 17.78
N LYS B 35 23.30 6.50 17.62
CA LYS B 35 23.83 7.03 16.38
C LYS B 35 23.27 6.23 15.21
N PRO B 36 22.68 6.90 14.23
CA PRO B 36 22.10 6.19 13.07
C PRO B 36 23.14 5.53 12.20
N LYS B 37 22.86 4.34 11.71
CA LYS B 37 23.81 3.58 10.90
C LYS B 37 23.74 4.02 9.46
N ASP B 38 22.59 4.53 9.06
CA ASP B 38 22.41 4.78 7.64
C ASP B 38 21.21 5.63 7.48
N ALA B 39 20.86 5.94 6.24
CA ALA B 39 19.72 6.79 5.94
C ALA B 39 18.48 6.22 6.57
N THR B 40 18.26 4.92 6.34
CA THR B 40 17.13 4.25 6.99
C THR B 40 17.12 4.49 8.50
N ASP B 41 18.26 4.26 9.10
CA ASP B 41 18.35 4.35 10.55
C ASP B 41 18.07 5.81 10.96
N ARG B 42 18.52 6.76 10.12
CA ARG B 42 18.34 8.17 10.42
C ARG B 42 16.85 8.51 10.46
N CYS B 43 16.09 7.94 9.52
CA CYS B 43 14.65 8.08 9.57
C CYS B 43 14.11 7.79 10.97
N CYS B 44 14.52 6.63 11.48
CA CYS B 44 13.98 6.17 12.77
C CYS B 44 14.36 7.05 13.96
N TYR B 45 15.60 7.53 13.95
CA TYR B 45 16.11 8.53 14.89
C TYR B 45 15.26 9.81 14.93
N VAL B 46 14.99 10.34 13.75
CA VAL B 46 14.22 11.56 13.60
C VAL B 46 12.85 11.28 14.17
N HIS B 47 12.36 10.09 13.84
CA HIS B 47 11.10 9.62 14.32
C HIS B 47 11.02 9.62 15.84
N LYS B 48 11.97 8.95 16.51
CA LYS B 48 11.93 8.95 17.97
C LYS B 48 12.03 10.38 18.60
N CYS B 49 12.78 11.26 17.94
CA CYS B 49 12.84 12.67 18.34
C CYS B 49 11.51 13.35 18.19
N CYS B 50 10.87 13.05 17.08
CA CYS B 50 9.55 13.56 16.86
C CYS B 50 8.61 13.31 18.05
N TYR B 51 8.64 12.08 18.59
CA TYR B 51 7.77 11.62 19.70
C TYR B 51 8.01 12.35 21.02
N LYS B 52 9.21 12.87 21.21
CA LYS B 52 9.56 13.60 22.42
C LYS B 52 8.86 14.94 22.47
N LYS B 53 8.42 15.42 21.31
CA LYS B 53 7.74 16.71 21.24
C LYS B 53 6.33 16.57 21.79
N LEU B 54 5.84 15.32 21.87
CA LEU B 54 4.45 15.03 22.18
C LEU B 54 4.19 15.00 23.69
N THR B 55 3.26 15.81 24.15
CA THR B 55 2.85 15.69 25.54
C THR B 55 1.40 15.28 25.67
N GLY B 56 1.14 14.32 26.56
CA GLY B 56 -0.22 13.91 26.84
C GLY B 56 -0.91 13.07 25.78
N CYS B 57 -0.13 12.35 24.98
CA CYS B 57 -0.63 11.16 24.29
C CYS B 57 0.50 10.15 24.34
N ASP B 58 0.17 8.88 24.21
CA ASP B 58 1.13 7.78 24.34
C ASP B 58 1.35 7.14 22.95
N PRO B 59 2.54 7.32 22.39
CA PRO B 59 2.78 6.95 20.98
C PRO B 59 2.66 5.44 20.72
N LYS B 60 2.96 4.64 21.73
CA LYS B 60 2.95 3.19 21.56
C LYS B 60 1.56 2.63 21.69
N LYS B 61 0.78 3.21 22.60
CA LYS B 61 -0.52 2.67 22.92
C LYS B 61 -1.63 3.41 22.24
N ASP B 62 -1.49 4.71 22.00
CA ASP B 62 -2.63 5.50 21.58
C ASP B 62 -2.79 5.38 20.09
N ARG B 63 -3.98 4.91 19.72
CA ARG B 63 -4.35 4.81 18.32
C ARG B 63 -4.76 6.19 17.81
N TYR B 64 -4.53 6.46 16.54
CA TYR B 64 -5.06 7.66 15.93
C TYR B 64 -5.53 7.28 14.54
N SER B 65 -6.22 8.19 13.87
CA SER B 65 -6.73 7.86 12.54
C SER B 65 -5.85 8.48 11.48
N TYR B 66 -5.71 7.76 10.36
CA TYR B 66 -5.09 8.35 9.18
C TYR B 66 -5.66 7.59 8.01
N SER B 67 -5.46 8.17 6.84
CA SER B 67 -6.00 7.65 5.58
C SER B 67 -4.92 7.50 4.57
N TRP B 68 -5.18 6.66 3.58
CA TRP B 68 -4.38 6.45 2.41
C TRP B 68 -5.08 7.08 1.22
N LYS B 69 -4.62 8.22 0.74
CA LYS B 69 -5.29 8.96 -0.28
C LYS B 69 -4.29 9.24 -1.39
N ASP B 70 -4.59 8.77 -2.57
CA ASP B 70 -3.66 8.99 -3.70
C ASP B 70 -2.29 8.47 -3.30
N LYS B 71 -2.31 7.29 -2.68
CA LYS B 71 -1.10 6.59 -2.27
C LYS B 71 -0.29 7.58 -1.46
N THR B 72 -0.96 8.30 -0.57
CA THR B 72 -0.29 9.26 0.33
C THR B 72 -0.85 9.01 1.75
N ILE B 73 -0.01 8.98 2.75
CA ILE B 73 -0.56 8.92 4.08
C ILE B 73 -1.13 10.28 4.48
N VAL B 74 -2.34 10.34 5.00
CA VAL B 74 -2.86 11.63 5.47
C VAL B 74 -3.33 11.53 6.92
N CYS B 75 -2.81 12.41 7.74
CA CYS B 75 -3.11 12.28 9.16
C CYS B 75 -4.43 12.93 9.42
N GLY B 76 -5.24 12.29 10.25
CA GLY B 76 -6.62 12.71 10.44
C GLY B 76 -6.95 13.86 11.39
N GLU B 77 -6.60 13.81 12.66
CA GLU B 77 -7.59 14.44 13.56
C GLU B 77 -7.25 15.32 14.76
N ASN B 78 -7.35 16.62 14.55
CA ASN B 78 -7.40 17.64 15.61
C ASN B 78 -6.60 17.44 16.89
N ASN B 79 -7.11 16.64 17.83
CA ASN B 79 -6.38 16.38 19.10
C ASN B 79 -4.89 16.58 18.87
N SER B 80 -4.38 17.70 19.38
CA SER B 80 -3.13 18.23 18.90
C SER B 80 -2.01 17.21 19.02
N CYS B 81 -2.05 16.39 20.08
CA CYS B 81 -1.03 15.36 20.30
C CYS B 81 -1.13 14.16 19.33
N LEU B 82 -2.33 13.66 19.13
CA LEU B 82 -2.52 12.57 18.19
C LEU B 82 -2.16 12.98 16.76
N LYS B 83 -2.43 14.24 16.41
CA LYS B 83 -2.12 14.78 15.09
C LYS B 83 -0.62 14.80 14.87
N GLU B 84 0.10 15.24 15.90
CA GLU B 84 1.52 15.43 15.81
C GLU B 84 2.10 14.04 15.78
N LEU B 85 1.49 13.12 16.53
CA LEU B 85 1.95 11.74 16.60
C LEU B 85 1.82 11.12 15.20
N CYS B 86 0.64 11.23 14.62
CA CYS B 86 0.46 10.69 13.28
C CYS B 86 1.50 11.28 12.28
N GLU B 87 1.77 12.57 12.40
CA GLU B 87 2.70 13.24 11.47
C GLU B 87 4.09 12.73 11.72
N CYS B 88 4.42 12.41 12.97
CA CYS B 88 5.71 11.79 13.24
C CYS B 88 5.79 10.47 12.44
N ASP B 89 4.76 9.64 12.61
CA ASP B 89 4.71 8.29 12.03
C ASP B 89 4.74 8.39 10.50
N LYS B 90 4.05 9.36 9.93
CA LYS B 90 3.99 9.41 8.48
C LYS B 90 5.35 9.74 7.95
N ALA B 91 6.03 10.65 8.67
CA ALA B 91 7.30 11.19 8.21
C ALA B 91 8.24 10.04 8.17
N VAL B 92 8.19 9.17 9.19
CA VAL B 92 9.12 8.05 9.18
C VAL B 92 8.83 6.99 8.10
N ALA B 93 7.58 6.70 7.85
CA ALA B 93 7.28 5.73 6.83
C ALA B 93 7.76 6.29 5.48
N ILE B 94 7.60 7.58 5.20
CA ILE B 94 8.08 8.17 3.87
C ILE B 94 9.56 8.10 3.83
N CYS B 95 10.13 8.40 4.96
CA CYS B 95 11.55 8.45 5.03
C CYS B 95 12.12 7.06 4.68
N LEU B 96 11.59 6.03 5.32
CA LEU B 96 12.04 4.68 5.06
C LEU B 96 11.89 4.30 3.59
N ARG B 97 10.77 4.66 2.96
CA ARG B 97 10.56 4.40 1.52
C ARG B 97 11.64 5.06 0.69
N GLU B 98 11.90 6.29 1.07
CA GLU B 98 12.75 7.18 0.30
C GLU B 98 14.12 6.60 0.39
N ASN B 99 14.38 5.89 1.49
CA ASN B 99 15.70 5.32 1.65
C ASN B 99 15.89 3.82 1.39
N LEU B 100 14.91 3.19 0.77
CA LEU B 100 14.98 1.76 0.52
C LEU B 100 16.17 1.42 -0.35
N ASP B 101 16.59 2.40 -1.13
CA ASP B 101 17.68 2.14 -2.02
C ASP B 101 18.98 1.79 -1.32
N THR B 102 19.11 2.15 -0.03
CA THR B 102 20.31 1.88 0.73
C THR B 102 19.98 0.99 1.94
N TYR B 103 18.76 0.48 2.01
CA TYR B 103 18.40 -0.45 3.09
C TYR B 103 19.40 -1.59 3.08
N ASN B 104 19.95 -1.92 4.24
CA ASN B 104 20.87 -3.05 4.32
C ASN B 104 20.42 -4.18 5.27
N LYS B 105 20.20 -5.37 4.68
CA LYS B 105 19.70 -6.55 5.37
C LYS B 105 20.62 -6.91 6.49
N LYS B 106 21.86 -6.46 6.40
CA LYS B 106 22.83 -6.70 7.43
C LYS B 106 22.44 -5.97 8.74
N TYR B 107 21.72 -4.87 8.65
CA TYR B 107 21.28 -4.17 9.86
C TYR B 107 19.95 -4.62 10.42
N ARG B 108 19.30 -5.55 9.74
CA ARG B 108 17.89 -5.90 10.03
C ARG B 108 17.62 -6.48 11.42
N TYR B 109 18.43 -7.42 11.87
CA TYR B 109 18.23 -8.03 13.16
C TYR B 109 19.39 -7.58 14.02
N ASN B 110 19.39 -6.33 14.44
CA ASN B 110 20.44 -5.82 15.28
C ASN B 110 20.10 -6.10 16.76
N TYR B 111 20.31 -7.35 17.18
CA TYR B 111 20.16 -7.68 18.60
C TYR B 111 21.13 -6.85 19.44
N LEU B 112 22.19 -6.37 18.80
CA LEU B 112 23.20 -5.53 19.44
C LEU B 112 22.83 -4.03 19.65
N LYS B 113 21.55 -3.70 19.62
CA LYS B 113 21.13 -2.31 19.90
C LYS B 113 21.62 -1.67 21.21
N PRO B 114 21.59 -2.37 22.34
CA PRO B 114 22.16 -1.74 23.55
C PRO B 114 23.63 -1.32 23.32
N ALA B 115 24.30 -1.84 22.28
CA ALA B 115 25.68 -1.41 21.98
C ALA B 115 25.77 -0.28 20.96
N CYS B 116 24.65 0.34 20.64
CA CYS B 116 24.66 1.48 19.75
C CYS B 116 25.22 2.69 20.47
N LYS B 117 25.98 3.50 19.77
CA LYS B 117 26.48 4.71 20.38
C LYS B 117 25.30 5.58 20.79
N LYS B 118 25.38 6.25 21.95
CA LYS B 118 24.30 7.09 22.47
C LYS B 118 23.87 8.21 21.50
N ALA B 119 22.56 8.47 21.42
CA ALA B 119 22.04 9.51 20.53
C ALA B 119 22.37 10.93 21.03
N ASP B 120 22.59 11.86 20.11
CA ASP B 120 22.59 13.29 20.50
C ASP B 120 21.20 13.75 20.81
N PRO B 121 21.05 14.87 21.52
CA PRO B 121 19.73 15.38 21.83
C PRO B 121 19.06 15.72 20.53
N CYS B 122 17.74 15.61 20.56
CA CYS B 122 16.94 15.87 19.38
C CYS B 122 17.07 17.34 19.02
S SO4 C . -28.56 3.59 -10.36
O1 SO4 C . -29.01 2.25 -10.78
O2 SO4 C . -27.32 3.87 -11.08
O3 SO4 C . -29.58 4.55 -10.78
O4 SO4 C . -28.40 3.73 -8.88
S SO4 D . -12.29 -1.52 3.63
O1 SO4 D . -13.32 -2.18 4.45
O2 SO4 D . -12.67 -1.54 2.20
O3 SO4 D . -12.19 -0.11 4.02
O4 SO4 D . -11.01 -2.20 3.84
S SO4 E . -17.58 -10.86 -22.06
O1 SO4 E . -18.45 -10.89 -20.87
O2 SO4 E . -18.30 -10.31 -23.19
O3 SO4 E . -16.40 -10.03 -21.81
O4 SO4 E . -17.12 -12.22 -22.42
C1 STE F . -11.86 -6.82 -13.02
O1 STE F . -11.53 -7.14 -14.19
O2 STE F . -12.96 -7.33 -12.54
C2 STE F . -11.14 -5.83 -12.10
C3 STE F . -11.74 -5.87 -10.72
C4 STE F . -11.13 -7.00 -9.93
C5 STE F . -11.65 -7.08 -8.52
C6 STE F . -11.17 -8.39 -7.96
C7 STE F . -11.04 -8.46 -6.47
C8 STE F . -9.88 -9.38 -6.05
C9 STE F . -10.40 -10.71 -5.56
C10 STE F . -9.28 -11.72 -5.38
C11 STE F . -8.59 -11.55 -4.04
C12 STE F . -8.27 -12.87 -3.38
C13 STE F . -7.38 -13.73 -4.28
C14 STE F . -6.87 -15.01 -3.66
C15 STE F . -6.11 -15.74 -4.77
C16 STE F . -6.67 -17.12 -5.04
C17 STE F . -5.80 -17.92 -6.03
C18 STE F . -6.03 -17.58 -7.50
C1 STE G . -11.59 -11.62 -15.15
O1 STE G . -12.47 -11.82 -15.96
O2 STE G . -10.78 -12.63 -14.88
C2 STE G . -11.39 -10.29 -14.49
C3 STE G . -11.06 -10.55 -13.04
C4 STE G . -12.07 -11.50 -12.46
C5 STE G . -12.24 -11.21 -10.99
C6 STE G . -12.99 -12.33 -10.30
C7 STE G . -12.82 -12.16 -8.81
C8 STE G . -14.12 -12.31 -8.07
C9 STE G . -14.04 -11.60 -6.73
C10 STE G . -14.37 -12.56 -5.60
C11 STE G . -14.95 -11.87 -4.38
C12 STE G . -16.44 -11.59 -4.51
C13 STE G . -17.27 -12.86 -4.38
C14 STE G . -16.52 -14.20 -4.59
C15 STE G . -17.13 -15.32 -5.53
C1 STE H . -2.67 -1.86 3.11
O1 STE H . -3.67 -2.14 3.78
O2 STE H . -1.68 -2.75 3.19
C2 STE H . -2.61 -0.55 2.31
C3 STE H . -2.11 -0.53 0.86
C4 STE H . -0.65 -0.11 0.78
C5 STE H . 0.24 -0.51 -0.36
C6 STE H . 1.43 -1.42 0.01
C7 STE H . 1.15 -2.90 -0.25
C8 STE H . 1.36 -3.83 0.94
C9 STE H . 1.69 -5.28 0.51
C10 STE H . 2.98 -5.34 -0.33
C11 STE H . 3.69 -6.69 -0.26
C12 STE H . 4.73 -6.66 -1.38
C13 STE H . 4.29 -5.78 -2.55
C14 STE H . 4.76 -6.34 -3.85
C15 STE H . 3.73 -7.11 -4.64
C16 STE H . 4.26 -8.53 -4.80
C17 STE H . 3.29 -9.44 -5.47
C18 STE H . 3.07 -10.79 -4.86
S SO4 I . 16.23 8.49 23.68
O1 SO4 I . 15.54 8.91 22.45
O2 SO4 I . 17.36 7.67 23.29
O3 SO4 I . 16.68 9.69 24.37
O4 SO4 I . 15.24 7.81 24.54
S SO4 J . 8.93 -9.33 3.06
O1 SO4 J . 8.19 -10.56 3.37
O2 SO4 J . 9.78 -9.46 1.86
O3 SO4 J . 7.96 -8.26 2.80
O4 SO4 J . 9.78 -8.92 4.19
C1 STE K . 11.04 3.84 14.88
O1 STE K . 11.52 2.84 15.34
O2 STE K . 10.93 4.94 15.62
C2 STE K . 10.51 3.75 13.48
C3 STE K . 10.69 2.30 13.07
C4 STE K . 9.45 1.50 13.38
C5 STE K . 9.83 0.07 13.53
C6 STE K . 8.79 -0.82 12.94
C7 STE K . 7.68 -1.13 13.90
C8 STE K . 6.81 -2.21 13.30
C9 STE K . 5.85 -2.74 14.36
C10 STE K . 4.61 -3.33 13.71
C11 STE K . 3.71 -3.80 14.85
C12 STE K . 2.30 -4.20 14.49
C13 STE K . 1.84 -5.22 15.55
C14 STE K . 0.38 -5.13 16.04
C15 STE K . 0.36 -5.08 17.56
C16 STE K . -0.05 -3.69 17.95
C17 STE K . -0.29 -3.56 19.44
C18 STE K . 0.89 -2.85 20.11
C1 STE L . 9.53 5.05 21.20
O1 STE L . 10.30 5.85 21.70
O2 STE L . 8.42 4.76 21.87
C2 STE L . 9.85 4.39 19.86
C3 STE L . 8.64 4.32 18.93
C4 STE L . 8.32 2.97 18.28
C5 STE L . 9.30 1.87 18.67
C6 STE L . 8.87 0.53 18.13
C7 STE L . 8.54 -0.44 19.26
C8 STE L . 8.65 -1.92 18.89
C9 STE L . 8.54 -2.20 17.38
C1 STE M . 1.56 -3.40 0.09
O1 STE M . 2.49 -4.02 -0.40
O2 STE M . 0.46 -4.08 0.44
C2 STE M . 1.80 -1.92 0.24
C3 STE M . 0.71 -1.12 0.95
C4 STE M . -0.53 -0.91 0.15
C5 STE M . -1.19 0.44 0.34
C6 STE M . -2.57 0.25 0.93
C7 STE M . -2.41 -0.45 2.27
C8 STE M . -3.54 -1.39 2.58
C9 STE M . -4.76 -0.56 2.97
C10 STE M . -5.43 -1.02 4.23
C11 STE M . -6.28 0.12 4.74
C12 STE M . -5.79 1.43 4.16
C13 STE M . -5.97 2.55 5.13
C14 STE M . -4.72 2.83 5.93
C15 STE M . -5.18 3.35 7.30
C16 STE M . -5.39 2.23 8.30
C17 STE M . -5.32 2.69 9.75
C18 STE M . -4.98 1.57 10.71
#